data_2OHF
#
_entry.id   2OHF
#
_cell.length_a   141.253
_cell.length_b   159.831
_cell.length_c   55.129
_cell.angle_alpha   90.00
_cell.angle_beta   90.00
_cell.angle_gamma   90.00
#
_symmetry.space_group_name_H-M   'C 2 2 21'
#
loop_
_entity.id
_entity.type
_entity.pdbx_description
1 polymer 'GTP-binding protein 9'
2 non-polymer 'PHOSPHOMETHYLPHOSPHONIC ACID ADENYLATE ESTER'
3 water water
#
_entity_poly.entity_id   1
_entity_poly.type   'polypeptide(L)'
_entity_poly.pdbx_seq_one_letter_code
;MPPKKGGDGIKPPPIIGRFGTSLKIGIVGLPNVGKSTFFNVLTNSQASAENFPFCTIDPNESRVPVPDERFDFLCQYHKP
ASKIPAFLNVVDIAGLVKGAHNGQGLGNAFLSHISACDGIFHLTRAFEDDDITHVEGSVDPIRDIEIIHEELQLKDEEMI
GPIIDKLEKVAVRGGDKKLKPEYDIMCKVKSWVIDQKKPVRFYHDWNDKEIEVLNKHLFLTSKPMVYLVNLSEKDYIRKK
NKWLIKIKEWVDKYDPGALVIPFSGALELKLQELSAEERQKYLEANMTQSALPKIIKAGFAALQLEYFFTAGPDEVRAWT
IRKGTKAPQAAGKIHTDFEKGFIMAEVMKYEDFKEEGSENAVKAAGKYRQQGRNYIVEDGDIIFFKFNTPQQPKKK
;
_entity_poly.pdbx_strand_id   A
#
# COMPACT_ATOMS: atom_id res chain seq x y z
N ILE A 16 -6.93 -11.34 2.33
CA ILE A 16 -7.11 -11.91 0.97
C ILE A 16 -5.77 -11.74 0.22
N GLY A 17 -5.82 -11.58 -1.11
CA GLY A 17 -4.67 -11.15 -1.93
C GLY A 17 -3.67 -12.24 -2.26
N ARG A 18 -2.62 -11.85 -2.98
CA ARG A 18 -1.47 -12.71 -3.23
C ARG A 18 -0.66 -12.90 -1.93
N PHE A 19 0.19 -13.94 -1.92
CA PHE A 19 1.13 -14.21 -0.82
C PHE A 19 2.41 -13.40 -1.04
N GLY A 20 3.09 -13.07 0.06
CA GLY A 20 4.41 -12.47 -0.04
C GLY A 20 4.43 -10.95 -0.15
N THR A 21 5.63 -10.42 -0.43
CA THR A 21 5.92 -8.99 -0.37
C THR A 21 6.12 -8.34 -1.76
N SER A 22 5.95 -9.13 -2.83
CA SER A 22 6.17 -8.66 -4.20
C SER A 22 4.91 -8.07 -4.81
N LEU A 23 4.25 -7.19 -4.08
CA LEU A 23 2.99 -6.67 -4.49
C LEU A 23 3.24 -5.41 -5.31
N LYS A 24 2.13 -4.90 -5.86
CA LYS A 24 2.08 -3.73 -6.72
C LYS A 24 0.74 -3.04 -6.54
N ILE A 25 0.71 -1.74 -6.77
CA ILE A 25 -0.55 -0.96 -6.70
C ILE A 25 -0.75 -0.29 -8.04
N GLY A 26 -1.98 -0.21 -8.48
CA GLY A 26 -2.24 0.22 -9.85
C GLY A 26 -2.97 1.54 -9.91
N ILE A 27 -2.56 2.40 -10.87
CA ILE A 27 -3.16 3.72 -11.06
C ILE A 27 -4.39 3.57 -11.96
N VAL A 28 -5.59 3.78 -11.39
CA VAL A 28 -6.84 3.48 -12.10
C VAL A 28 -7.87 4.60 -12.12
N GLY A 29 -8.26 5.01 -13.32
CA GLY A 29 -9.44 5.83 -13.56
C GLY A 29 -9.61 6.15 -15.04
N LEU A 30 -10.66 6.91 -15.38
CA LEU A 30 -10.93 7.34 -16.77
C LEU A 30 -9.75 8.10 -17.41
N PRO A 31 -9.86 8.44 -18.71
CA PRO A 31 -8.72 9.07 -19.36
C PRO A 31 -8.82 10.60 -19.36
N ASN A 32 -7.68 11.24 -19.60
CA ASN A 32 -7.49 12.68 -19.34
C ASN A 32 -7.90 13.09 -17.92
N VAL A 33 -7.41 12.34 -16.93
CA VAL A 33 -7.64 12.70 -15.51
C VAL A 33 -6.37 12.88 -14.70
N GLY A 34 -5.21 12.83 -15.35
CA GLY A 34 -3.92 13.08 -14.68
C GLY A 34 -3.05 11.85 -14.41
N LYS A 35 -3.44 10.69 -14.95
CA LYS A 35 -2.75 9.43 -14.69
C LYS A 35 -1.27 9.54 -15.02
N SER A 36 -0.96 9.98 -16.23
CA SER A 36 0.41 10.11 -16.70
C SER A 36 1.19 11.12 -15.84
N THR A 37 0.58 12.28 -15.62
CA THR A 37 1.17 13.26 -14.73
C THR A 37 1.42 12.59 -13.38
N PHE A 38 0.37 12.03 -12.81
CA PHE A 38 0.47 11.39 -11.49
C PHE A 38 1.61 10.39 -11.48
N PHE A 39 1.67 9.56 -12.53
CA PHE A 39 2.77 8.64 -12.67
C PHE A 39 4.09 9.39 -12.79
N ASN A 40 4.12 10.41 -13.62
CA ASN A 40 5.36 11.10 -13.91
C ASN A 40 5.99 11.67 -12.65
N VAL A 41 5.18 12.38 -11.87
CA VAL A 41 5.65 13.03 -10.65
C VAL A 41 6.28 12.05 -9.67
N LEU A 42 5.62 10.91 -9.45
CA LEU A 42 6.18 9.82 -8.63
C LEU A 42 7.58 9.45 -9.10
N THR A 43 7.70 9.08 -10.37
CA THR A 43 9.00 8.79 -10.97
C THR A 43 9.99 9.91 -10.67
N ASN A 44 9.76 11.10 -11.24
CA ASN A 44 10.64 12.24 -11.04
C ASN A 44 10.54 12.83 -9.64
N ASP A 58 11.33 -0.72 -16.80
CA ASP A 58 9.94 -0.74 -17.26
C ASP A 58 9.33 0.67 -17.26
N PRO A 59 8.87 1.15 -18.42
CA PRO A 59 8.23 2.47 -18.46
C PRO A 59 6.79 2.56 -17.90
N ASN A 60 6.21 1.43 -17.52
CA ASN A 60 4.85 1.41 -16.97
C ASN A 60 4.82 1.13 -15.47
N GLU A 61 5.95 0.72 -14.90
CA GLU A 61 6.09 0.53 -13.45
C GLU A 61 7.16 1.44 -12.91
N SER A 62 7.08 1.81 -11.66
CA SER A 62 8.24 2.35 -10.99
C SER A 62 8.23 2.09 -9.50
N ARG A 63 9.42 1.94 -8.94
CA ARG A 63 9.61 1.76 -7.51
C ARG A 63 9.94 3.09 -6.88
N VAL A 64 9.19 3.49 -5.88
CA VAL A 64 9.38 4.78 -5.26
C VAL A 64 9.71 4.63 -3.77
N PRO A 65 10.73 5.36 -3.27
CA PRO A 65 11.10 5.26 -1.86
C PRO A 65 9.94 5.64 -1.01
N VAL A 66 9.65 4.86 0.03
CA VAL A 66 8.66 5.33 1.01
C VAL A 66 9.31 6.34 1.96
N PRO A 67 8.69 7.49 2.16
CA PRO A 67 9.35 8.38 3.11
C PRO A 67 9.00 7.95 4.52
N ASP A 68 9.97 8.03 5.42
CA ASP A 68 9.72 7.72 6.83
C ASP A 68 10.61 8.55 7.72
N GLU A 69 9.99 9.27 8.66
CA GLU A 69 10.71 10.06 9.69
C GLU A 69 11.73 9.22 10.49
N ARG A 70 11.31 8.02 10.89
CA ARG A 70 12.15 7.13 11.67
C ARG A 70 13.44 6.83 10.91
N PHE A 71 13.24 6.52 9.65
CA PHE A 71 14.33 6.10 8.79
C PHE A 71 15.33 7.21 8.79
N ASP A 72 14.88 8.40 8.41
CA ASP A 72 15.72 9.61 8.45
C ASP A 72 16.43 9.73 9.79
N PHE A 73 15.72 9.59 10.90
CA PHE A 73 16.35 9.72 12.21
C PHE A 73 17.49 8.74 12.38
N LEU A 74 17.21 7.47 12.07
CA LEU A 74 18.19 6.38 12.24
C LEU A 74 19.42 6.60 11.40
N CYS A 75 19.23 7.30 10.31
CA CYS A 75 20.23 7.41 9.28
C CYS A 75 21.15 8.52 9.66
N GLN A 76 20.55 9.63 10.04
CA GLN A 76 21.27 10.74 10.66
C GLN A 76 22.06 10.24 11.86
N TYR A 77 21.43 9.46 12.74
CA TYR A 77 22.14 8.95 13.91
C TYR A 77 23.38 8.12 13.55
N HIS A 78 23.25 7.07 12.72
CA HIS A 78 24.39 6.19 12.37
C HIS A 78 25.32 6.63 11.22
N LYS A 79 24.86 7.54 10.37
CA LYS A 79 25.69 8.02 9.25
C LYS A 79 26.33 6.87 8.47
N PRO A 80 25.49 5.96 7.95
CA PRO A 80 25.94 4.70 7.37
C PRO A 80 26.37 4.81 5.94
N ALA A 81 27.28 3.93 5.55
CA ALA A 81 27.70 3.80 4.15
C ALA A 81 26.51 3.68 3.20
N SER A 82 25.46 2.99 3.69
CA SER A 82 24.38 2.50 2.87
C SER A 82 23.03 2.76 3.51
N LYS A 83 22.16 3.44 2.77
CA LYS A 83 20.86 3.82 3.26
C LYS A 83 19.91 3.18 2.27
N ILE A 84 18.89 2.45 2.75
CA ILE A 84 18.01 1.68 1.87
C ILE A 84 16.63 1.61 2.48
N PRO A 85 15.69 2.41 1.98
CA PRO A 85 14.36 2.35 2.56
C PRO A 85 13.50 1.29 1.88
N ALA A 86 12.24 1.21 2.27
CA ALA A 86 11.25 0.44 1.55
C ALA A 86 10.90 1.18 0.24
N PHE A 87 10.24 0.47 -0.69
CA PHE A 87 9.77 1.01 -1.97
C PHE A 87 8.35 0.59 -2.30
N LEU A 88 7.57 1.49 -2.91
CA LEU A 88 6.25 1.12 -3.48
C LEU A 88 6.35 0.89 -4.98
N ASN A 89 5.78 -0.22 -5.45
CA ASN A 89 5.69 -0.51 -6.89
C ASN A 89 4.36 0.02 -7.42
N VAL A 90 4.44 0.94 -8.38
CA VAL A 90 3.25 1.60 -8.89
C VAL A 90 3.18 1.41 -10.38
N VAL A 91 2.01 1.01 -10.87
CA VAL A 91 1.82 0.68 -12.29
C VAL A 91 0.93 1.71 -12.99
N ASP A 92 1.43 2.29 -14.09
CA ASP A 92 0.66 3.24 -14.88
C ASP A 92 0.05 2.50 -16.03
N ILE A 93 -1.16 2.04 -15.81
CA ILE A 93 -1.85 1.11 -16.69
C ILE A 93 -1.94 1.57 -18.18
N ALA A 94 -1.07 0.96 -18.98
CA ALA A 94 -0.91 1.21 -20.42
C ALA A 94 -1.24 -0.09 -21.17
N GLY A 95 -2.30 -0.02 -21.98
CA GLY A 95 -2.94 -1.21 -22.56
C GLY A 95 -4.44 -0.95 -22.67
N GLY A 107 -11.72 -0.17 -19.79
CA GLY A 107 -11.47 -1.09 -20.89
C GLY A 107 -11.87 -2.54 -20.60
N ASN A 108 -10.97 -3.47 -20.95
CA ASN A 108 -11.11 -4.93 -20.79
C ASN A 108 -9.70 -5.54 -20.63
N ALA A 109 -8.79 -5.15 -21.53
CA ALA A 109 -7.35 -5.33 -21.36
C ALA A 109 -6.84 -4.48 -20.18
N PHE A 110 -7.53 -3.36 -19.94
CA PHE A 110 -7.34 -2.54 -18.76
C PHE A 110 -7.49 -3.41 -17.50
N LEU A 111 -8.63 -4.08 -17.39
CA LEU A 111 -8.93 -4.92 -16.22
C LEU A 111 -8.02 -6.14 -16.12
N SER A 112 -7.45 -6.54 -17.26
CA SER A 112 -6.42 -7.55 -17.25
C SER A 112 -5.29 -7.09 -16.33
N HIS A 113 -4.85 -5.86 -16.51
CA HIS A 113 -3.75 -5.35 -15.68
C HIS A 113 -4.16 -5.08 -14.24
N ILE A 114 -5.42 -4.76 -14.00
CA ILE A 114 -5.88 -4.56 -12.63
C ILE A 114 -5.78 -5.86 -11.86
N SER A 115 -6.28 -6.95 -12.45
CA SER A 115 -6.15 -8.27 -11.85
C SER A 115 -4.68 -8.58 -11.59
N ALA A 116 -3.81 -7.98 -12.40
CA ALA A 116 -2.37 -8.10 -12.25
C ALA A 116 -1.76 -7.11 -11.23
N CYS A 117 -2.60 -6.53 -10.38
CA CYS A 117 -2.10 -5.65 -9.33
C CYS A 117 -2.67 -6.13 -8.02
N ASP A 118 -2.18 -5.57 -6.93
CA ASP A 118 -2.59 -6.05 -5.63
C ASP A 118 -3.41 -5.04 -4.85
N GLY A 119 -3.66 -3.90 -5.47
CA GLY A 119 -4.61 -2.93 -4.95
C GLY A 119 -4.70 -1.77 -5.91
N ILE A 120 -5.70 -0.91 -5.72
CA ILE A 120 -5.96 0.19 -6.65
C ILE A 120 -5.83 1.58 -6.03
N PHE A 121 -4.91 2.36 -6.59
CA PHE A 121 -4.99 3.83 -6.53
C PHE A 121 -6.10 4.38 -7.43
N HIS A 122 -7.32 4.47 -6.93
CA HIS A 122 -8.42 5.03 -7.72
C HIS A 122 -8.26 6.54 -7.96
N LEU A 123 -7.56 6.93 -9.01
CA LEU A 123 -7.47 8.38 -9.36
C LEU A 123 -8.80 8.94 -9.87
N THR A 124 -8.98 10.25 -9.78
CA THR A 124 -10.30 10.91 -9.95
C THR A 124 -10.16 12.45 -10.06
N ARG A 125 -10.98 13.07 -10.93
CA ARG A 125 -10.75 14.47 -11.39
C ARG A 125 -11.73 15.51 -10.81
N ALA A 126 -11.21 16.72 -10.51
CA ALA A 126 -12.04 17.85 -10.04
C ALA A 126 -11.54 19.26 -10.46
N VAL A 139 -22.37 13.30 -10.80
CA VAL A 139 -21.72 14.26 -11.70
C VAL A 139 -20.20 13.97 -11.79
N ASP A 140 -19.44 14.83 -12.48
CA ASP A 140 -18.04 14.59 -12.92
C ASP A 140 -17.21 13.48 -12.22
N PRO A 141 -17.04 13.54 -10.89
CA PRO A 141 -16.30 12.48 -10.23
C PRO A 141 -17.12 11.41 -9.52
N ILE A 142 -18.42 11.62 -9.32
CA ILE A 142 -19.22 10.65 -8.56
C ILE A 142 -19.84 9.64 -9.51
N ARG A 143 -20.47 10.13 -10.57
CA ARG A 143 -20.77 9.27 -11.72
C ARG A 143 -19.52 8.41 -12.05
N ASP A 144 -18.36 9.07 -12.13
CA ASP A 144 -17.11 8.41 -12.46
C ASP A 144 -16.78 7.26 -11.53
N ILE A 145 -16.91 7.52 -10.24
CA ILE A 145 -16.60 6.51 -9.22
C ILE A 145 -17.55 5.32 -9.36
N GLU A 146 -18.85 5.63 -9.52
CA GLU A 146 -19.88 4.60 -9.69
C GLU A 146 -19.59 3.76 -10.94
N ILE A 147 -19.14 4.43 -11.99
CA ILE A 147 -18.72 3.71 -13.19
C ILE A 147 -17.63 2.72 -12.83
N ILE A 148 -16.45 3.20 -12.49
CA ILE A 148 -15.32 2.31 -12.22
C ILE A 148 -15.69 1.15 -11.27
N HIS A 149 -16.51 1.43 -10.26
CA HIS A 149 -17.03 0.37 -9.41
C HIS A 149 -17.90 -0.58 -10.20
N GLU A 150 -18.78 -0.02 -11.04
CA GLU A 150 -19.61 -0.80 -11.99
C GLU A 150 -18.81 -1.79 -12.84
N GLU A 151 -17.81 -1.32 -13.58
CA GLU A 151 -16.93 -2.21 -14.37
C GLU A 151 -16.40 -3.35 -13.50
N LEU A 152 -15.76 -3.00 -12.38
CA LEU A 152 -15.06 -3.99 -11.58
C LEU A 152 -16.03 -5.04 -11.02
N GLN A 153 -17.22 -4.62 -10.60
CA GLN A 153 -18.21 -5.56 -10.12
C GLN A 153 -18.69 -6.46 -11.26
N LEU A 154 -18.82 -5.88 -12.45
CA LEU A 154 -19.33 -6.61 -13.61
C LEU A 154 -18.27 -7.54 -14.19
N LYS A 155 -17.00 -7.15 -14.11
CA LYS A 155 -15.94 -8.07 -14.53
C LYS A 155 -15.95 -9.29 -13.61
N ASP A 156 -16.28 -9.08 -12.34
CA ASP A 156 -16.32 -10.19 -11.39
C ASP A 156 -17.45 -11.19 -11.67
N GLU A 157 -18.69 -10.73 -11.80
CA GLU A 157 -19.81 -11.64 -12.12
C GLU A 157 -19.53 -12.45 -13.40
N GLU A 158 -18.93 -11.77 -14.37
CA GLU A 158 -18.67 -12.33 -15.68
C GLU A 158 -17.67 -13.46 -15.60
N MET A 159 -16.77 -13.41 -14.63
CA MET A 159 -15.80 -14.47 -14.37
C MET A 159 -16.39 -15.53 -13.44
N ILE A 160 -17.28 -15.11 -12.53
CA ILE A 160 -17.96 -16.07 -11.65
C ILE A 160 -18.85 -17.04 -12.44
N GLY A 161 -19.27 -16.66 -13.63
CA GLY A 161 -20.14 -17.49 -14.44
C GLY A 161 -19.55 -18.87 -14.61
N PRO A 162 -18.53 -18.99 -15.49
CA PRO A 162 -17.80 -20.26 -15.68
C PRO A 162 -17.35 -20.96 -14.39
N ILE A 163 -17.04 -20.22 -13.34
CA ILE A 163 -16.61 -20.84 -12.08
C ILE A 163 -17.76 -21.62 -11.41
N ILE A 164 -18.98 -21.35 -11.84
CA ILE A 164 -20.10 -22.18 -11.45
C ILE A 164 -20.13 -23.36 -12.42
N ASP A 165 -20.24 -23.04 -13.71
CA ASP A 165 -20.35 -24.02 -14.79
C ASP A 165 -19.37 -25.18 -14.59
N LYS A 166 -18.07 -24.88 -14.62
CA LYS A 166 -17.04 -25.90 -14.46
C LYS A 166 -17.15 -26.65 -13.13
N LEU A 167 -17.65 -26.02 -12.08
CA LEU A 167 -17.81 -26.68 -10.79
C LEU A 167 -19.11 -27.49 -10.66
N GLU A 168 -20.04 -27.32 -11.59
CA GLU A 168 -21.37 -27.90 -11.42
C GLU A 168 -21.43 -29.43 -11.36
N LYS A 169 -20.44 -30.13 -11.90
CA LYS A 169 -20.38 -31.57 -11.63
C LYS A 169 -19.65 -31.84 -10.31
N VAL A 170 -20.41 -32.25 -9.29
CA VAL A 170 -19.88 -32.55 -7.96
C VAL A 170 -19.11 -33.90 -7.94
N ALA A 171 -17.79 -33.84 -8.14
CA ALA A 171 -16.94 -35.05 -8.17
C ALA A 171 -16.61 -35.53 -6.75
N LYS A 180 -14.88 -30.66 -4.27
CA LYS A 180 -16.28 -30.90 -3.96
C LYS A 180 -16.81 -29.92 -2.91
N PRO A 181 -16.07 -29.71 -1.82
CA PRO A 181 -16.52 -28.75 -0.80
C PRO A 181 -16.37 -27.28 -1.21
N GLU A 182 -15.55 -27.03 -2.24
CA GLU A 182 -15.37 -25.69 -2.81
C GLU A 182 -16.67 -25.14 -3.36
N TYR A 183 -17.41 -25.98 -4.07
CA TYR A 183 -18.70 -25.59 -4.63
C TYR A 183 -19.60 -24.89 -3.59
N ASP A 184 -19.54 -25.36 -2.34
CA ASP A 184 -20.32 -24.76 -1.26
C ASP A 184 -20.11 -23.25 -1.19
N ILE A 185 -18.85 -22.84 -1.19
CA ILE A 185 -18.48 -21.45 -0.89
C ILE A 185 -18.59 -20.50 -2.08
N MET A 186 -18.39 -21.01 -3.29
CA MET A 186 -18.54 -20.19 -4.49
C MET A 186 -19.95 -19.61 -4.61
N CYS A 187 -20.96 -20.37 -4.18
CA CYS A 187 -22.33 -19.86 -4.12
C CYS A 187 -22.37 -18.64 -3.21
N LYS A 188 -21.82 -18.82 -2.01
CA LYS A 188 -21.75 -17.74 -1.03
C LYS A 188 -21.21 -16.48 -1.70
N VAL A 189 -20.08 -16.64 -2.40
CA VAL A 189 -19.48 -15.52 -3.15
C VAL A 189 -20.44 -14.93 -4.17
N LYS A 190 -20.93 -15.76 -5.09
CA LYS A 190 -21.89 -15.32 -6.12
C LYS A 190 -23.11 -14.63 -5.53
N SER A 191 -23.63 -15.23 -4.46
CA SER A 191 -24.75 -14.66 -3.73
C SER A 191 -24.40 -13.27 -3.24
N TRP A 192 -23.17 -13.12 -2.75
CA TRP A 192 -22.66 -11.83 -2.28
C TRP A 192 -22.36 -10.86 -3.40
N VAL A 193 -21.86 -11.36 -4.52
CA VAL A 193 -21.53 -10.52 -5.68
C VAL A 193 -22.70 -10.43 -6.70
N ILE A 194 -23.89 -10.90 -6.32
CA ILE A 194 -25.12 -10.59 -7.06
C ILE A 194 -26.00 -9.63 -6.22
N ASP A 195 -25.34 -8.88 -5.32
CA ASP A 195 -25.98 -7.85 -4.53
C ASP A 195 -25.49 -6.49 -5.03
N LYS A 198 -22.57 -6.98 -4.24
CA LYS A 198 -21.54 -6.35 -3.41
C LYS A 198 -20.12 -6.79 -3.79
N PRO A 199 -19.12 -5.91 -3.59
CA PRO A 199 -17.69 -6.25 -3.71
C PRO A 199 -17.24 -7.29 -2.69
N VAL A 200 -16.26 -8.11 -3.06
CA VAL A 200 -15.77 -9.17 -2.19
C VAL A 200 -15.35 -8.60 -0.86
N ARG A 201 -14.47 -7.61 -0.90
CA ARG A 201 -13.88 -7.01 0.31
C ARG A 201 -14.86 -6.45 1.34
N PHE A 202 -16.09 -6.11 0.93
CA PHE A 202 -17.10 -5.57 1.86
C PHE A 202 -17.60 -6.63 2.84
N TYR A 203 -17.22 -7.88 2.63
CA TYR A 203 -17.53 -8.93 3.60
C TYR A 203 -16.33 -9.08 4.50
N HIS A 204 -16.45 -8.56 5.72
CA HIS A 204 -15.33 -8.52 6.68
C HIS A 204 -15.24 -9.84 7.45
N ASP A 205 -16.12 -10.77 7.11
CA ASP A 205 -16.14 -12.11 7.69
C ASP A 205 -15.65 -13.08 6.62
N TRP A 206 -14.58 -13.81 6.91
CA TRP A 206 -14.06 -14.84 6.00
C TRP A 206 -13.46 -15.96 6.83
N ASN A 207 -12.99 -17.02 6.17
CA ASN A 207 -12.22 -18.08 6.83
C ASN A 207 -11.11 -18.63 5.94
N ASP A 208 -10.31 -19.53 6.50
CA ASP A 208 -9.16 -20.09 5.78
C ASP A 208 -9.59 -20.77 4.48
N LYS A 209 -10.67 -21.54 4.57
CA LYS A 209 -11.20 -22.27 3.43
C LYS A 209 -11.70 -21.26 2.37
N GLU A 210 -12.41 -20.24 2.83
CA GLU A 210 -12.94 -19.21 1.94
C GLU A 210 -11.80 -18.41 1.28
N ILE A 211 -10.83 -17.94 2.07
CA ILE A 211 -9.74 -17.15 1.49
C ILE A 211 -8.94 -17.95 0.46
N GLU A 212 -8.71 -19.23 0.75
CA GLU A 212 -8.05 -20.14 -0.20
C GLU A 212 -8.70 -19.96 -1.58
N VAL A 213 -10.00 -20.24 -1.63
CA VAL A 213 -10.78 -20.17 -2.88
C VAL A 213 -10.75 -18.76 -3.46
N LEU A 214 -10.99 -17.76 -2.60
CA LEU A 214 -10.95 -16.36 -3.03
C LEU A 214 -9.62 -16.10 -3.73
N ASN A 215 -8.54 -16.48 -3.06
CA ASN A 215 -7.21 -16.19 -3.55
C ASN A 215 -6.92 -16.94 -4.84
N LYS A 216 -7.66 -18.01 -5.08
CA LYS A 216 -7.55 -18.75 -6.34
C LYS A 216 -7.89 -17.84 -7.53
N HIS A 217 -8.88 -16.98 -7.38
CA HIS A 217 -9.32 -16.15 -8.51
C HIS A 217 -8.96 -14.66 -8.44
N LEU A 218 -8.52 -14.18 -7.27
CA LEU A 218 -8.11 -12.78 -7.11
C LEU A 218 -9.10 -11.82 -7.79
N PHE A 219 -10.33 -11.81 -7.30
CA PHE A 219 -11.36 -10.94 -7.86
C PHE A 219 -11.04 -9.44 -7.74
N LEU A 220 -11.49 -8.69 -8.74
CA LEU A 220 -11.19 -7.26 -8.80
C LEU A 220 -11.72 -6.52 -7.55
N THR A 221 -12.92 -6.89 -7.12
CA THR A 221 -13.51 -6.31 -5.93
C THR A 221 -12.94 -6.82 -4.61
N SER A 222 -11.94 -7.70 -4.66
CA SER A 222 -11.25 -8.13 -3.44
C SER A 222 -9.98 -7.31 -3.19
N LYS A 223 -9.52 -6.59 -4.22
CA LYS A 223 -8.35 -5.73 -4.10
C LYS A 223 -8.72 -4.46 -3.31
N PRO A 224 -7.80 -3.94 -2.48
CA PRO A 224 -8.15 -2.74 -1.77
C PRO A 224 -7.94 -1.49 -2.62
N MET A 225 -8.57 -0.41 -2.16
CA MET A 225 -8.70 0.80 -2.94
C MET A 225 -8.45 2.05 -2.09
N VAL A 226 -7.73 2.99 -2.70
CA VAL A 226 -7.47 4.30 -2.13
C VAL A 226 -7.82 5.37 -3.16
N TYR A 227 -8.66 6.31 -2.74
CA TYR A 227 -9.15 7.36 -3.59
C TYR A 227 -8.22 8.56 -3.62
N LEU A 228 -7.93 9.04 -4.82
CA LEU A 228 -7.06 10.17 -5.02
C LEU A 228 -7.79 11.24 -5.86
N VAL A 229 -8.08 12.39 -5.27
CA VAL A 229 -8.84 13.41 -5.99
C VAL A 229 -7.91 14.47 -6.61
N ASN A 230 -7.78 14.44 -7.94
CA ASN A 230 -6.89 15.38 -8.64
C ASN A 230 -7.56 16.74 -8.77
N LEU A 231 -6.81 17.78 -8.44
CA LEU A 231 -7.36 19.10 -8.19
C LEU A 231 -6.48 20.15 -8.83
N SER A 232 -7.09 21.32 -9.05
CA SER A 232 -6.37 22.53 -9.40
C SER A 232 -5.46 22.96 -8.26
N GLU A 233 -4.30 23.51 -8.62
CA GLU A 233 -3.40 24.16 -7.66
C GLU A 233 -4.20 24.91 -6.58
N LYS A 234 -5.18 25.70 -7.01
CA LYS A 234 -5.97 26.56 -6.11
C LYS A 234 -6.77 25.86 -4.99
N ASP A 235 -7.49 24.78 -5.32
CA ASP A 235 -8.37 24.14 -4.34
C ASP A 235 -7.60 23.39 -3.28
N TYR A 236 -6.49 22.77 -3.66
CA TYR A 236 -5.64 22.11 -2.68
C TYR A 236 -5.16 23.19 -1.74
N ILE A 237 -4.57 24.23 -2.31
CA ILE A 237 -3.95 25.28 -1.50
C ILE A 237 -4.97 25.94 -0.56
N ARG A 238 -6.10 26.38 -1.10
CA ARG A 238 -7.12 27.06 -0.27
C ARG A 238 -8.05 26.07 0.45
N LYS A 239 -7.88 24.77 0.18
CA LYS A 239 -8.46 23.73 1.04
C LYS A 239 -9.99 23.79 1.14
N LYS A 240 -10.64 23.82 -0.01
CA LYS A 240 -12.10 23.64 -0.09
C LYS A 240 -12.50 23.42 -1.54
N ASN A 241 -13.27 22.36 -1.77
CA ASN A 241 -13.59 21.90 -3.10
C ASN A 241 -14.90 21.15 -3.04
N LYS A 242 -15.89 21.68 -3.76
CA LYS A 242 -17.23 21.11 -3.84
C LYS A 242 -17.18 19.59 -3.78
N TRP A 243 -16.40 19.01 -4.69
CA TRP A 243 -16.50 17.58 -4.97
C TRP A 243 -15.92 16.71 -3.88
N LEU A 244 -14.82 17.15 -3.28
CA LEU A 244 -14.18 16.38 -2.21
C LEU A 244 -15.15 16.16 -1.06
N ILE A 245 -16.02 17.14 -0.82
CA ILE A 245 -17.05 16.97 0.20
C ILE A 245 -17.95 15.85 -0.22
N LYS A 246 -18.46 15.91 -1.44
CA LYS A 246 -19.44 14.93 -1.89
C LYS A 246 -18.78 13.54 -2.06
N ILE A 247 -17.53 13.52 -2.51
CA ILE A 247 -16.80 12.25 -2.59
C ILE A 247 -16.69 11.61 -1.22
N LYS A 248 -16.25 12.39 -0.23
CA LYS A 248 -16.19 11.93 1.16
C LYS A 248 -17.56 11.53 1.68
N GLU A 249 -18.58 12.29 1.34
CA GLU A 249 -19.96 11.88 1.63
C GLU A 249 -20.20 10.49 1.07
N TRP A 250 -19.83 10.31 -0.20
CA TRP A 250 -20.05 9.05 -0.89
C TRP A 250 -19.24 7.91 -0.25
N VAL A 251 -17.92 8.10 -0.18
CA VAL A 251 -17.03 7.10 0.42
C VAL A 251 -17.52 6.61 1.78
N ASP A 252 -18.05 7.52 2.59
CA ASP A 252 -18.60 7.16 3.90
C ASP A 252 -19.86 6.32 3.74
N LYS A 253 -20.69 6.72 2.78
CA LYS A 253 -21.95 6.02 2.51
C LYS A 253 -21.70 4.62 1.95
N TYR A 254 -20.78 4.51 0.99
CA TYR A 254 -20.64 3.29 0.19
C TYR A 254 -19.30 2.56 0.25
N ASP A 255 -18.34 3.05 1.04
CA ASP A 255 -17.02 2.41 1.13
C ASP A 255 -16.34 2.84 2.45
N PRO A 256 -16.98 2.54 3.57
CA PRO A 256 -16.57 3.09 4.86
C PRO A 256 -15.17 2.65 5.23
N GLY A 257 -14.37 3.58 5.73
CA GLY A 257 -12.97 3.34 5.99
C GLY A 257 -12.07 3.71 4.83
N ALA A 258 -12.61 3.74 3.62
CA ALA A 258 -11.75 4.04 2.47
C ALA A 258 -11.07 5.37 2.69
N LEU A 259 -9.81 5.47 2.28
CA LEU A 259 -9.06 6.70 2.38
C LEU A 259 -9.38 7.56 1.18
N VAL A 260 -9.66 8.83 1.41
CA VAL A 260 -9.74 9.79 0.33
C VAL A 260 -8.65 10.82 0.53
N ILE A 261 -7.76 10.97 -0.42
CA ILE A 261 -6.63 11.85 -0.30
C ILE A 261 -6.60 12.83 -1.48
N PRO A 262 -6.77 14.12 -1.22
CA PRO A 262 -6.66 15.09 -2.32
C PRO A 262 -5.23 15.40 -2.69
N PHE A 263 -5.02 15.85 -3.91
CA PHE A 263 -3.74 16.33 -4.36
C PHE A 263 -3.90 17.05 -5.70
N SER A 264 -2.83 17.73 -6.15
CA SER A 264 -2.82 18.39 -7.45
C SER A 264 -1.63 17.98 -8.26
N GLY A 265 -1.91 17.35 -9.40
CA GLY A 265 -0.87 16.91 -10.31
C GLY A 265 -0.08 18.09 -10.83
N ALA A 266 -0.80 19.14 -11.21
CA ALA A 266 -0.16 20.36 -11.69
C ALA A 266 0.83 20.77 -10.61
N LEU A 267 0.29 21.15 -9.47
CA LEU A 267 1.10 21.66 -8.37
C LEU A 267 2.34 20.83 -8.19
N GLU A 268 2.14 19.52 -7.99
CA GLU A 268 3.24 18.59 -7.73
C GLU A 268 4.32 18.65 -8.81
N LEU A 269 3.91 18.89 -10.06
CA LEU A 269 4.84 18.90 -11.19
C LEU A 269 5.63 20.20 -11.33
N LYS A 270 5.03 21.32 -10.94
CA LYS A 270 5.79 22.57 -10.87
C LYS A 270 6.92 22.38 -9.86
N LEU A 271 6.57 21.76 -8.74
CA LEU A 271 7.54 21.56 -7.66
C LEU A 271 8.74 20.71 -8.09
N GLN A 272 8.52 19.79 -9.02
CA GLN A 272 9.62 19.01 -9.60
C GLN A 272 10.57 19.90 -10.38
N GLU A 273 10.01 20.90 -11.07
CA GLU A 273 10.80 21.77 -11.93
C GLU A 273 11.58 22.81 -11.14
N LEU A 274 10.94 23.43 -10.16
CA LEU A 274 11.57 24.54 -9.43
C LEU A 274 12.75 24.09 -8.57
N SER A 275 13.73 24.98 -8.42
CA SER A 275 14.95 24.68 -7.68
C SER A 275 14.66 24.55 -6.20
N ALA A 276 15.28 23.55 -5.56
CA ALA A 276 15.12 23.29 -4.12
C ALA A 276 15.02 24.57 -3.32
N GLU A 277 15.74 25.61 -3.78
CA GLU A 277 15.68 26.95 -3.18
C GLU A 277 14.32 27.61 -3.49
N GLU A 278 14.03 27.88 -4.76
CA GLU A 278 12.75 28.51 -5.13
C GLU A 278 11.58 27.65 -4.66
N ARG A 279 11.71 26.36 -4.93
CA ARG A 279 10.82 25.32 -4.38
C ARG A 279 10.40 25.59 -2.95
N GLN A 280 11.36 25.72 -2.06
CA GLN A 280 11.08 26.04 -0.66
C GLN A 280 10.40 27.38 -0.50
N LYS A 281 10.82 28.38 -1.29
CA LYS A 281 10.19 29.69 -1.28
C LYS A 281 8.73 29.59 -1.67
N TYR A 282 8.45 28.69 -2.60
CA TYR A 282 7.08 28.45 -3.06
C TYR A 282 6.20 27.83 -1.97
N LEU A 283 6.72 26.77 -1.34
CA LEU A 283 5.98 26.06 -0.30
C LEU A 283 5.86 26.88 0.98
N GLU A 284 6.84 27.73 1.24
CA GLU A 284 6.74 28.70 2.32
C GLU A 284 5.59 29.65 2.00
N ALA A 285 5.77 30.45 0.95
CA ALA A 285 4.76 31.44 0.51
C ALA A 285 3.35 30.91 0.69
N ASN A 286 3.00 29.89 -0.09
CA ASN A 286 1.70 29.27 0.00
C ASN A 286 1.80 28.25 1.11
N MET A 287 0.95 28.31 2.11
CA MET A 287 1.15 27.49 3.32
C MET A 287 0.77 26.02 3.07
N THR A 288 1.52 25.36 2.19
CA THR A 288 1.09 24.07 1.68
C THR A 288 2.23 23.03 1.65
N GLN A 289 1.89 21.81 1.25
CA GLN A 289 2.79 20.67 1.32
C GLN A 289 2.62 19.79 0.10
N SER A 290 3.67 19.05 -0.25
CA SER A 290 3.48 17.98 -1.21
C SER A 290 2.53 16.96 -0.58
N ALA A 291 1.64 16.40 -1.39
CA ALA A 291 0.70 15.41 -0.93
C ALA A 291 1.25 13.99 -1.14
N LEU A 292 2.36 13.90 -1.86
CA LEU A 292 2.87 12.61 -2.33
C LEU A 292 3.25 11.70 -1.19
N PRO A 293 4.03 12.22 -0.25
CA PRO A 293 4.42 11.33 0.81
C PRO A 293 3.22 10.70 1.46
N LYS A 294 2.15 11.43 1.65
CA LYS A 294 1.00 10.80 2.31
C LYS A 294 0.37 9.72 1.42
N ILE A 295 0.58 9.82 0.12
CA ILE A 295 -0.03 8.90 -0.84
C ILE A 295 0.79 7.62 -0.99
N ILE A 296 2.11 7.78 -1.03
CA ILE A 296 3.00 6.66 -1.07
C ILE A 296 2.76 5.75 0.15
N LYS A 297 2.71 6.37 1.32
CA LYS A 297 2.46 5.60 2.53
C LYS A 297 1.09 4.97 2.47
N ALA A 298 0.09 5.72 1.99
CA ALA A 298 -1.28 5.20 1.88
C ALA A 298 -1.32 3.92 1.02
N GLY A 299 -0.52 3.92 -0.04
CA GLY A 299 -0.46 2.82 -0.97
C GLY A 299 0.13 1.58 -0.31
N PHE A 300 1.32 1.77 0.22
CA PHE A 300 2.04 0.76 1.00
C PHE A 300 1.11 0.20 2.09
N ALA A 301 0.54 1.07 2.89
CA ALA A 301 -0.36 0.59 3.93
C ALA A 301 -1.49 -0.25 3.33
N ALA A 302 -1.98 0.14 2.14
CA ALA A 302 -3.16 -0.51 1.56
C ALA A 302 -2.80 -1.90 1.09
N LEU A 303 -1.57 -2.05 0.61
CA LEU A 303 -1.04 -3.36 0.22
C LEU A 303 -0.83 -4.31 1.40
N GLN A 304 -1.09 -3.82 2.61
CA GLN A 304 -0.83 -4.55 3.85
C GLN A 304 0.66 -4.86 4.06
N LEU A 305 1.51 -4.00 3.52
CA LEU A 305 2.92 -4.07 3.75
C LEU A 305 3.36 -3.17 4.93
N GLU A 306 4.50 -3.50 5.51
CA GLU A 306 5.17 -2.62 6.47
C GLU A 306 6.60 -3.10 6.53
N TYR A 307 7.41 -2.50 7.40
CA TYR A 307 8.82 -2.84 7.45
C TYR A 307 9.38 -2.77 8.86
N PHE A 308 10.57 -3.34 8.98
CA PHE A 308 11.37 -3.28 10.16
C PHE A 308 12.75 -2.79 9.75
N PHE A 309 13.59 -2.49 10.74
CA PHE A 309 14.86 -1.85 10.45
C PHE A 309 16.06 -2.70 10.85
N THR A 310 17.16 -2.46 10.16
CA THR A 310 18.43 -2.88 10.61
C THR A 310 19.25 -1.61 10.58
N ALA A 311 19.58 -1.06 11.73
CA ALA A 311 20.42 0.12 11.73
C ALA A 311 21.75 -0.21 12.37
N GLY A 312 22.83 0.21 11.75
CA GLY A 312 24.17 0.16 12.32
C GLY A 312 25.08 1.07 11.50
N PRO A 313 26.36 1.16 11.87
CA PRO A 313 27.25 2.08 11.18
C PRO A 313 27.41 1.84 9.69
N ASP A 314 27.14 0.63 9.21
CA ASP A 314 27.43 0.28 7.81
C ASP A 314 26.22 0.57 6.97
N GLU A 315 25.06 0.28 7.53
CA GLU A 315 23.81 0.36 6.80
C GLU A 315 22.63 0.59 7.70
N VAL A 316 21.68 1.37 7.20
CA VAL A 316 20.32 1.43 7.76
C VAL A 316 19.39 1.02 6.63
N ARG A 317 18.40 0.16 6.94
CA ARG A 317 17.57 -0.49 5.93
C ARG A 317 16.20 -0.80 6.41
N ALA A 318 15.23 -0.54 5.55
CA ALA A 318 13.86 -0.92 5.82
C ALA A 318 13.72 -2.25 5.18
N TRP A 319 13.10 -3.21 5.87
CA TRP A 319 12.90 -4.54 5.30
C TRP A 319 11.42 -4.79 5.28
N THR A 320 10.84 -4.82 4.08
CA THR A 320 9.38 -4.90 3.91
C THR A 320 8.87 -6.27 4.28
N ILE A 321 7.80 -6.29 5.03
CA ILE A 321 7.13 -7.51 5.43
C ILE A 321 5.60 -7.29 5.46
N ARG A 322 4.89 -8.40 5.55
CA ARG A 322 3.46 -8.42 5.65
C ARG A 322 3.10 -8.46 7.11
N LYS A 323 2.03 -7.77 7.50
CA LYS A 323 1.50 -7.87 8.84
C LYS A 323 1.48 -9.33 9.22
N GLY A 324 1.91 -9.65 10.44
CA GLY A 324 1.95 -11.03 10.91
C GLY A 324 3.22 -11.82 10.60
N THR A 325 4.19 -11.24 9.89
CA THR A 325 5.40 -12.04 9.57
C THR A 325 6.12 -12.31 10.88
N LYS A 326 6.51 -13.55 11.13
CA LYS A 326 7.20 -13.87 12.36
C LYS A 326 8.66 -13.80 12.10
N ALA A 327 9.40 -13.70 13.19
CA ALA A 327 10.83 -13.43 13.17
C ALA A 327 11.60 -14.31 12.25
N PRO A 328 11.33 -15.60 12.23
CA PRO A 328 12.17 -16.37 11.29
C PRO A 328 11.98 -15.98 9.80
N GLN A 329 10.74 -15.71 9.39
CA GLN A 329 10.50 -15.31 8.00
C GLN A 329 11.03 -13.90 7.81
N ALA A 330 10.88 -13.08 8.84
CA ALA A 330 11.52 -11.77 8.86
C ALA A 330 13.03 -11.91 8.59
N ALA A 331 13.73 -12.77 9.32
CA ALA A 331 15.18 -12.92 9.10
C ALA A 331 15.53 -13.48 7.73
N GLY A 332 14.73 -14.42 7.23
CA GLY A 332 14.91 -14.99 5.89
C GLY A 332 14.99 -13.96 4.74
N LYS A 333 14.32 -12.82 4.92
CA LYS A 333 14.52 -11.67 4.01
C LYS A 333 16.01 -11.32 3.81
N ILE A 334 16.84 -11.54 4.80
CA ILE A 334 18.26 -11.20 4.73
C ILE A 334 19.06 -12.31 4.09
N HIS A 335 18.68 -13.54 4.41
CA HIS A 335 19.30 -14.75 3.82
C HIS A 335 18.39 -15.86 4.19
N THR A 336 18.08 -16.72 3.22
CA THR A 336 17.08 -17.79 3.43
C THR A 336 17.53 -18.86 4.49
N ASP A 337 18.82 -19.14 4.63
CA ASP A 337 19.26 -19.96 5.78
C ASP A 337 18.73 -19.48 7.17
N PHE A 338 18.33 -18.22 7.27
CA PHE A 338 17.92 -17.67 8.54
C PHE A 338 16.55 -18.12 8.97
N GLU A 339 15.71 -18.54 8.06
CA GLU A 339 14.41 -18.99 8.52
C GLU A 339 14.63 -20.21 9.42
N LYS A 340 15.51 -21.13 9.04
CA LYS A 340 15.75 -22.26 9.88
C LYS A 340 16.81 -21.97 10.90
N GLY A 341 17.81 -21.17 10.53
CA GLY A 341 19.05 -21.08 11.33
C GLY A 341 19.08 -20.18 12.54
N PHE A 342 17.91 -19.79 12.98
CA PHE A 342 17.73 -18.59 13.73
C PHE A 342 17.22 -18.87 15.13
N ILE A 343 18.01 -18.51 16.14
CA ILE A 343 17.59 -18.84 17.50
C ILE A 343 16.90 -17.70 18.24
N MET A 344 17.25 -16.44 17.96
CA MET A 344 16.50 -15.31 18.52
C MET A 344 16.72 -13.97 17.81
N ALA A 345 15.78 -13.07 18.03
CA ALA A 345 15.86 -11.72 17.46
C ALA A 345 15.98 -10.68 18.59
N GLU A 346 16.99 -9.81 18.49
CA GLU A 346 17.20 -8.70 19.44
C GLU A 346 16.46 -7.43 19.01
N VAL A 347 15.37 -7.11 19.68
CA VAL A 347 14.49 -6.05 19.25
C VAL A 347 14.51 -4.80 20.14
N MET A 348 14.65 -3.63 19.50
CA MET A 348 14.48 -2.28 20.09
C MET A 348 13.38 -1.55 19.38
N LYS A 349 12.38 -1.08 20.09
CA LYS A 349 11.35 -0.28 19.47
C LYS A 349 11.96 1.06 19.16
N TYR A 350 11.56 1.68 18.06
CA TYR A 350 12.11 3.00 17.67
C TYR A 350 11.92 4.04 18.79
N GLU A 351 10.73 4.07 19.36
CA GLU A 351 10.39 5.00 20.41
C GLU A 351 11.46 5.03 21.49
N ASP A 352 11.94 3.84 21.86
CA ASP A 352 12.85 3.69 22.99
C ASP A 352 14.25 4.12 22.62
N PHE A 353 14.67 3.70 21.46
CA PHE A 353 15.95 4.11 20.97
C PHE A 353 16.00 5.62 20.87
N LYS A 354 14.92 6.27 20.46
CA LYS A 354 14.91 7.73 20.36
C LYS A 354 14.99 8.35 21.74
N GLU A 355 14.06 7.96 22.60
CA GLU A 355 14.00 8.46 23.97
C GLU A 355 15.34 8.20 24.72
N GLU A 356 15.62 6.95 25.04
CA GLU A 356 16.83 6.61 25.76
C GLU A 356 18.08 7.17 25.09
N GLY A 357 18.00 7.40 23.79
CA GLY A 357 19.03 8.11 23.07
C GLY A 357 20.20 7.33 22.56
N SER A 358 20.31 6.04 22.95
CA SER A 358 21.32 5.10 22.35
C SER A 358 21.10 3.64 22.71
N GLU A 359 21.71 2.73 21.96
CA GLU A 359 21.61 1.31 22.26
C GLU A 359 21.97 0.96 23.72
N ASN A 360 23.16 1.38 24.17
CA ASN A 360 23.52 1.10 25.57
C ASN A 360 22.49 1.73 26.51
N ALA A 361 21.97 2.93 26.17
CA ALA A 361 20.91 3.46 27.02
C ALA A 361 19.67 2.54 26.98
N VAL A 362 19.26 2.10 25.79
CA VAL A 362 18.13 1.19 25.71
C VAL A 362 18.41 -0.07 26.51
N LYS A 363 19.57 -0.70 26.30
CA LYS A 363 19.95 -1.86 27.11
C LYS A 363 19.94 -1.53 28.61
N ALA A 364 20.68 -0.52 29.03
CA ALA A 364 20.74 -0.17 30.46
C ALA A 364 19.38 0.01 31.13
N ALA A 365 18.37 0.39 30.35
CA ALA A 365 17.03 0.71 30.87
C ALA A 365 16.10 -0.50 30.81
N GLY A 366 16.63 -1.64 30.43
CA GLY A 366 15.83 -2.87 30.41
C GLY A 366 14.88 -2.99 29.23
N LYS A 367 15.15 -2.29 28.15
CA LYS A 367 14.22 -2.23 27.02
C LYS A 367 14.72 -2.92 25.74
N TYR A 368 15.89 -3.54 25.80
CA TYR A 368 16.42 -4.24 24.66
C TYR A 368 15.92 -5.68 24.65
N ARG A 369 14.69 -5.89 24.18
CA ARG A 369 14.02 -7.19 24.33
C ARG A 369 14.57 -8.30 23.42
N GLN A 370 14.50 -9.55 23.88
CA GLN A 370 15.07 -10.66 23.15
C GLN A 370 14.04 -11.69 22.85
N GLN A 371 13.55 -11.65 21.62
CA GLN A 371 12.36 -12.37 21.26
C GLN A 371 12.81 -13.63 20.62
N GLY A 372 12.02 -14.69 20.83
CA GLY A 372 12.20 -15.97 20.17
C GLY A 372 11.49 -16.11 18.82
N ARG A 373 11.50 -17.36 18.32
CA ARG A 373 11.08 -17.71 16.97
C ARG A 373 9.60 -17.49 16.70
N ASN A 374 8.83 -17.27 17.75
CA ASN A 374 7.36 -17.17 17.65
C ASN A 374 6.83 -15.72 17.72
N TYR A 375 7.74 -14.76 17.56
CA TYR A 375 7.45 -13.35 17.73
C TYR A 375 7.04 -12.72 16.38
N ILE A 376 5.85 -12.12 16.38
CA ILE A 376 5.36 -11.34 15.27
C ILE A 376 6.11 -10.03 15.27
N VAL A 377 6.96 -9.81 14.28
CA VAL A 377 7.62 -8.54 14.14
C VAL A 377 6.59 -7.43 14.11
N GLU A 378 6.96 -6.28 14.66
CA GLU A 378 6.10 -5.13 14.68
C GLU A 378 6.79 -4.08 13.87
N ASP A 379 5.98 -3.20 13.27
CA ASP A 379 6.45 -2.18 12.33
C ASP A 379 7.31 -1.20 13.07
N GLY A 380 8.48 -0.87 12.54
CA GLY A 380 9.45 -0.01 13.25
C GLY A 380 10.49 -0.73 14.14
N ASP A 381 10.35 -2.04 14.35
CA ASP A 381 11.25 -2.77 15.23
C ASP A 381 12.59 -2.62 14.66
N ILE A 382 13.60 -2.31 15.50
CA ILE A 382 15.01 -2.33 15.07
C ILE A 382 15.64 -3.60 15.65
N ILE A 383 16.15 -4.44 14.75
CA ILE A 383 16.36 -5.84 15.08
C ILE A 383 17.74 -6.27 14.75
N PHE A 384 18.41 -6.87 15.74
CA PHE A 384 19.57 -7.67 15.43
C PHE A 384 19.18 -9.15 15.56
N PHE A 385 19.28 -9.87 14.45
CA PHE A 385 18.90 -11.28 14.36
C PHE A 385 20.09 -12.16 14.72
N LYS A 386 19.89 -13.18 15.54
CA LYS A 386 21.02 -14.07 15.93
C LYS A 386 20.80 -15.52 15.52
N PHE A 387 21.89 -16.22 15.25
CA PHE A 387 21.90 -17.61 14.78
C PHE A 387 23.00 -18.40 15.47
N ASN A 388 22.88 -19.75 15.48
CA ASN A 388 23.94 -20.70 15.96
C ASN A 388 24.19 -20.63 17.49
#